data_3RWQ
#
_entry.id   3RWQ
#
_cell.length_a   123.213
_cell.length_b   123.213
_cell.length_c   47.424
_cell.angle_alpha   90.00
_cell.angle_beta   90.00
_cell.angle_gamma   120.00
#
_symmetry.space_group_name_H-M   'P 32 2 1'
#
loop_
_entity.id
_entity.type
_entity.pdbx_description
1 polymer '3-phosphoinositide-dependent protein kinase 1'
2 non-polymer [4-amino-7-(propan-2-yl)-7H-pyrrolo[2,3-d]pyrimidin-5-yl](6-{[2-(pyridin-3-yl)ethyl]amino}pyrazin-2-yl)methanone
3 non-polymer GLYCEROL
4 non-polymer 'SULFATE ION'
5 water water
#
_entity_poly.entity_id   1
_entity_poly.type   'polypeptide(L)'
_entity_poly.pdbx_seq_one_letter_code
;GAMDGTAAEPRPGAGSLQHAQPPPQPRKKRPEDFKFGKILGEGSFSTVVLARELATSREYAIKILEKRHIIKENKVPYVT
RERDVMSRLDHPFFVKLYFTFQDDEKLYFGLSYAKNGELLKYIRKIGSFDETCTRFYTAEIVSALEYLHGKGIIHRDLKP
ENILLNEDMHIQITDFGTAKVLSPESKQARAN(SEP)FVGTAQYVSPELLTEKSACKSSDLWALGCIIYQLVAGLPPFRA
GNEYLIFQKIIKLEYDFPEKFFPKARDLVEKLLVLDATKRLGCEEMEGYGPLKAHPFFESVTWENLHQQTPPKLT
;
_entity_poly.pdbx_strand_id   A
#
loop_
_chem_comp.id
_chem_comp.type
_chem_comp.name
_chem_comp.formula
3RW non-polymer [4-amino-7-(propan-2-yl)-7H-pyrrolo[2,3-d]pyrimidin-5-yl](6-{[2-(pyridin-3-yl)ethyl]amino}pyrazin-2-yl)methanone 'C21 H22 N8 O'
GOL non-polymer GLYCEROL 'C3 H8 O3'
SO4 non-polymer 'SULFATE ION' 'O4 S -2'
#
# COMPACT_ATOMS: atom_id res chain seq x y z
N PRO A 24 -9.80 28.55 9.69
CA PRO A 24 -8.64 29.44 9.50
C PRO A 24 -7.30 28.86 10.03
N GLN A 25 -6.69 27.98 9.22
CA GLN A 25 -5.50 27.17 9.55
C GLN A 25 -4.22 28.00 9.82
N PRO A 26 -3.13 27.35 10.32
CA PRO A 26 -1.86 28.07 10.54
C PRO A 26 -1.25 28.61 9.24
N ARG A 27 -0.17 29.39 9.36
CA ARG A 27 0.52 29.95 8.18
C ARG A 27 1.04 28.82 7.27
N LYS A 28 0.97 28.98 5.94
CA LYS A 28 1.71 28.10 5.03
C LYS A 28 3.16 28.07 5.48
N LYS A 29 3.74 26.88 5.49
CA LYS A 29 5.12 26.72 5.89
C LYS A 29 6.01 26.96 4.67
N ARG A 30 7.31 27.06 4.93
CA ARG A 30 8.30 27.29 3.87
C ARG A 30 9.47 26.35 4.11
N PRO A 31 10.34 26.18 3.08
CA PRO A 31 11.54 25.36 3.31
C PRO A 31 12.39 25.88 4.46
N GLU A 32 12.42 27.20 4.67
CA GLU A 32 13.25 27.79 5.74
C GLU A 32 12.84 27.35 7.14
N ASP A 33 11.60 26.86 7.29
CA ASP A 33 11.07 26.41 8.60
C ASP A 33 11.63 25.03 9.00
N PHE A 34 12.43 24.44 8.11
CA PHE A 34 12.90 23.07 8.23
C PHE A 34 14.40 22.97 8.15
N LYS A 35 14.92 22.00 8.89
CA LYS A 35 16.26 21.55 8.73
C LYS A 35 16.16 20.15 8.08
N PHE A 36 16.50 20.09 6.80
CA PHE A 36 16.41 18.85 6.02
C PHE A 36 17.55 17.92 6.31
N GLY A 37 17.27 16.63 6.33
CA GLY A 37 18.28 15.62 6.61
C GLY A 37 18.46 14.67 5.44
N LYS A 38 18.72 13.40 5.76
CA LYS A 38 18.97 12.37 4.76
C LYS A 38 17.79 12.17 3.82
N ILE A 39 18.06 11.67 2.63
CA ILE A 39 17.05 11.17 1.71
C ILE A 39 16.51 9.83 2.21
N LEU A 40 15.20 9.63 2.21
CA LEU A 40 14.65 8.36 2.64
C LEU A 40 14.46 7.45 1.44
N GLY A 41 14.13 8.07 0.30
CA GLY A 41 13.99 7.34 -0.93
C GLY A 41 13.86 8.27 -2.12
N GLU A 42 14.07 7.70 -3.29
CA GLU A 42 13.92 8.42 -4.53
C GLU A 42 12.92 7.71 -5.43
N GLY A 43 12.11 8.47 -6.17
CA GLY A 43 11.24 7.88 -7.17
C GLY A 43 11.53 8.49 -8.53
N SER A 44 10.81 8.03 -9.54
CA SER A 44 10.96 8.57 -10.89
C SER A 44 10.61 10.05 -10.92
N PHE A 45 9.62 10.44 -10.10
CA PHE A 45 9.06 11.77 -10.16
C PHE A 45 9.25 12.57 -8.87
N SER A 46 9.66 11.90 -7.78
CA SER A 46 9.79 12.55 -6.47
C SER A 46 10.95 12.05 -5.63
N THR A 47 11.26 12.79 -4.55
CA THR A 47 12.25 12.42 -3.55
C THR A 47 11.61 12.60 -2.17
N VAL A 48 11.82 11.65 -1.26
CA VAL A 48 11.36 11.80 0.14
C VAL A 48 12.55 12.10 1.08
N VAL A 49 12.46 13.16 1.87
CA VAL A 49 13.58 13.60 2.70
C VAL A 49 13.11 13.80 4.11
N LEU A 50 13.86 13.31 5.09
CA LEU A 50 13.62 13.61 6.50
C LEU A 50 13.87 15.09 6.78
N ALA A 51 12.94 15.72 7.46
CA ALA A 51 13.10 17.12 7.85
C ALA A 51 12.62 17.27 9.28
N ARG A 52 13.38 18.04 10.04
CA ARG A 52 12.98 18.49 11.36
C ARG A 52 12.44 19.92 11.29
N GLU A 53 11.17 20.11 11.65
CA GLU A 53 10.63 21.45 11.73
C GLU A 53 11.29 22.17 12.93
N LEU A 54 11.71 23.44 12.77
CA LEU A 54 12.52 24.11 13.84
C LEU A 54 11.72 24.64 15.04
N ALA A 55 10.58 25.26 14.81
CA ALA A 55 9.72 25.71 15.90
C ALA A 55 9.17 24.62 16.87
N THR A 56 9.11 23.37 16.41
CA THR A 56 8.46 22.30 17.16
C THR A 56 9.45 21.16 17.46
N SER A 57 10.49 21.07 16.63
CA SER A 57 11.39 19.89 16.52
C SER A 57 10.73 18.56 16.06
N ARG A 58 9.50 18.63 15.57
CA ARG A 58 8.82 17.45 14.97
C ARG A 58 9.53 16.98 13.69
N GLU A 59 9.63 15.67 13.50
CA GLU A 59 10.20 15.14 12.28
C GLU A 59 9.08 14.79 11.31
N TYR A 60 9.17 15.34 10.09
CA TYR A 60 8.33 14.89 8.95
C TYR A 60 9.14 14.23 7.85
N ALA A 61 8.48 13.34 7.11
CA ALA A 61 8.98 12.84 5.84
C ALA A 61 8.37 13.78 4.82
N ILE A 62 9.23 14.50 4.09
CA ILE A 62 8.75 15.52 3.17
C ILE A 62 8.94 15.05 1.73
N LYS A 63 7.85 14.95 0.98
CA LYS A 63 7.95 14.47 -0.37
C LYS A 63 8.10 15.68 -1.27
N ILE A 64 9.21 15.71 -2.01
CA ILE A 64 9.54 16.85 -2.85
C ILE A 64 9.41 16.47 -4.31
N LEU A 65 8.57 17.22 -5.02
CA LEU A 65 8.29 17.01 -6.45
C LEU A 65 8.68 18.27 -7.21
N GLU A 66 9.39 18.09 -8.31
CA GLU A 66 9.79 19.22 -9.14
C GLU A 66 8.73 19.56 -10.21
N LYS A 67 8.25 20.81 -10.21
CA LYS A 67 7.15 21.24 -11.09
C LYS A 67 7.41 21.08 -12.60
N ARG A 68 8.56 21.55 -13.11
CA ARG A 68 8.98 21.26 -14.51
C ARG A 68 8.93 19.77 -14.89
N HIS A 69 9.52 18.90 -14.07
CA HIS A 69 9.54 17.47 -14.35
C HIS A 69 8.11 16.90 -14.37
N ILE A 70 7.28 17.30 -13.39
CA ILE A 70 5.86 16.91 -13.38
C ILE A 70 5.09 17.37 -14.66
N ILE A 71 5.29 18.62 -15.09
CA ILE A 71 4.59 19.20 -16.21
C ILE A 71 4.95 18.52 -17.53
N LYS A 72 6.25 18.30 -17.77
CA LYS A 72 6.69 17.76 -19.04
C LYS A 72 6.63 16.23 -19.11
N GLU A 73 6.49 15.57 -17.96
CA GLU A 73 6.24 14.12 -17.97
C GLU A 73 4.75 13.84 -17.85
N ASN A 74 3.95 14.88 -18.05
CA ASN A 74 2.47 14.85 -17.90
C ASN A 74 1.88 14.27 -16.62
N LYS A 75 2.51 14.56 -15.48
CA LYS A 75 2.11 13.95 -14.22
C LYS A 75 1.23 14.79 -13.28
N VAL A 76 0.78 15.97 -13.74
CA VAL A 76 -0.13 16.81 -12.94
C VAL A 76 -1.38 16.08 -12.41
N PRO A 77 -2.06 15.26 -13.26
CA PRO A 77 -3.21 14.50 -12.69
C PRO A 77 -2.84 13.58 -11.52
N TYR A 78 -1.64 13.02 -11.55
CA TYR A 78 -1.20 12.08 -10.53
C TYR A 78 -0.80 12.75 -9.22
N VAL A 79 -0.10 13.88 -9.29
CA VAL A 79 0.25 14.64 -8.09
C VAL A 79 -1.00 15.23 -7.40
N THR A 80 -1.92 15.70 -8.21
CA THR A 80 -3.19 16.26 -7.74
C THR A 80 -4.05 15.19 -7.05
N ARG A 81 -4.23 14.05 -7.71
CA ARG A 81 -4.93 12.91 -7.09
C ARG A 81 -4.26 12.48 -5.76
N GLU A 82 -2.93 12.42 -5.73
CA GLU A 82 -2.22 12.11 -4.49
C GLU A 82 -2.62 13.05 -3.35
N ARG A 83 -2.54 14.35 -3.62
CA ARG A 83 -2.92 15.38 -2.65
C ARG A 83 -4.39 15.24 -2.23
N ASP A 84 -5.30 15.18 -3.22
CA ASP A 84 -6.73 14.99 -2.98
C ASP A 84 -7.06 13.76 -2.14
N VAL A 85 -6.49 12.60 -2.48
CA VAL A 85 -6.77 11.36 -1.77
C VAL A 85 -6.23 11.41 -0.35
N MET A 86 -4.96 11.73 -0.17
CA MET A 86 -4.38 11.73 1.17
C MET A 86 -5.12 12.66 2.14
N SER A 87 -5.58 13.80 1.62
CA SER A 87 -6.38 14.75 2.40
C SER A 87 -7.71 14.15 2.88
N ARG A 88 -8.22 13.13 2.18
CA ARG A 88 -9.48 12.45 2.52
C ARG A 88 -9.36 11.32 3.56
N LEU A 89 -8.15 10.81 3.73
CA LEU A 89 -7.91 9.69 4.60
C LEU A 89 -7.74 10.17 6.02
N ASP A 90 -8.41 9.48 6.92
CA ASP A 90 -8.26 9.78 8.32
C ASP A 90 -8.35 8.51 9.15
N HIS A 91 -7.25 7.76 9.16
CA HIS A 91 -7.25 6.43 9.72
C HIS A 91 -5.82 6.11 10.18
N PRO A 92 -5.66 5.39 11.31
CA PRO A 92 -4.32 5.05 11.79
C PRO A 92 -3.45 4.18 10.87
N PHE A 93 -4.01 3.56 9.85
CA PHE A 93 -3.16 2.66 9.03
C PHE A 93 -2.68 3.32 7.76
N PHE A 94 -2.73 4.65 7.71
CA PHE A 94 -2.31 5.39 6.54
C PHE A 94 -1.33 6.50 6.90
N VAL A 95 -0.25 6.63 6.10
CA VAL A 95 0.62 7.80 6.14
C VAL A 95 -0.26 9.05 6.02
N LYS A 96 -0.04 10.00 6.92
CA LYS A 96 -0.91 11.17 7.02
C LYS A 96 -0.26 12.38 6.34
N LEU A 97 -1.05 13.17 5.60
CA LEU A 97 -0.58 14.41 5.00
C LEU A 97 -0.89 15.55 5.95
N TYR A 98 0.15 16.13 6.57
CA TYR A 98 -0.09 17.23 7.53
C TYR A 98 -0.21 18.62 6.90
N PHE A 99 0.50 18.83 5.79
CA PHE A 99 0.60 20.19 5.16
C PHE A 99 1.22 20.11 3.75
N THR A 100 1.07 21.19 3.00
CA THR A 100 1.70 21.33 1.71
C THR A 100 2.14 22.77 1.48
N PHE A 101 3.23 22.94 0.73
CA PHE A 101 3.66 24.27 0.33
C PHE A 101 4.47 24.14 -0.96
N GLN A 102 4.89 25.28 -1.49
CA GLN A 102 5.67 25.29 -2.71
C GLN A 102 6.50 26.55 -2.78
N ASP A 103 7.60 26.45 -3.53
CA ASP A 103 8.43 27.62 -3.86
C ASP A 103 8.41 27.70 -5.39
N ASP A 104 9.22 28.57 -6.01
CA ASP A 104 9.23 28.66 -7.48
C ASP A 104 9.42 27.31 -8.21
N GLU A 105 10.33 26.48 -7.73
CA GLU A 105 10.69 25.27 -8.46
C GLU A 105 9.97 23.98 -8.02
N LYS A 106 9.52 23.90 -6.76
CA LYS A 106 9.19 22.61 -6.11
C LYS A 106 7.89 22.56 -5.28
N LEU A 107 7.32 21.37 -5.19
CA LEU A 107 6.15 21.08 -4.31
C LEU A 107 6.59 20.25 -3.11
N TYR A 108 6.08 20.57 -1.93
CA TYR A 108 6.44 19.84 -0.69
C TYR A 108 5.19 19.27 -0.02
N PHE A 109 5.18 17.95 0.21
CA PHE A 109 4.12 17.36 1.01
C PHE A 109 4.69 16.94 2.34
N GLY A 110 4.21 17.52 3.43
CA GLY A 110 4.64 17.12 4.76
C GLY A 110 3.92 15.87 5.15
N LEU A 111 4.66 14.80 5.32
CA LEU A 111 4.06 13.48 5.52
C LEU A 111 4.48 12.91 6.86
N SER A 112 3.61 12.11 7.44
CA SER A 112 3.96 11.44 8.68
C SER A 112 5.24 10.62 8.47
N TYR A 113 6.20 10.75 9.39
CA TYR A 113 7.47 10.00 9.30
C TYR A 113 7.39 8.57 9.89
N ALA A 114 7.35 7.58 9.00
CA ALA A 114 7.22 6.18 9.38
C ALA A 114 8.58 5.57 9.69
N LYS A 115 8.94 5.63 10.98
CA LYS A 115 10.28 5.37 11.51
C LYS A 115 10.90 4.03 11.09
N ASN A 116 10.12 2.96 11.09
CA ASN A 116 10.69 1.65 10.84
C ASN A 116 10.78 1.19 9.36
N GLY A 117 10.36 2.06 8.43
CA GLY A 117 10.57 1.82 6.99
C GLY A 117 9.64 0.84 6.31
N GLU A 118 10.09 0.24 5.21
CA GLU A 118 9.26 -0.62 4.38
C GLU A 118 9.05 -1.99 5.01
N LEU A 119 7.82 -2.49 4.94
CA LEU A 119 7.53 -3.89 5.28
C LEU A 119 8.47 -4.87 4.53
N LEU A 120 8.83 -4.53 3.30
CA LEU A 120 9.78 -5.32 2.50
C LEU A 120 11.08 -5.58 3.25
N LYS A 121 11.61 -4.54 3.90
CA LYS A 121 12.85 -4.64 4.67
C LYS A 121 12.78 -5.78 5.68
N TYR A 122 11.66 -5.89 6.38
CA TYR A 122 11.49 -6.98 7.38
C TYR A 122 11.33 -8.36 6.82
N ILE A 123 10.56 -8.53 5.75
CA ILE A 123 10.46 -9.81 5.08
C ILE A 123 11.87 -10.27 4.69
N ARG A 124 12.65 -9.37 4.10
CA ARG A 124 14.01 -9.69 3.68
C ARG A 124 14.94 -10.04 4.82
N LYS A 125 14.78 -9.32 5.94
CA LYS A 125 15.64 -9.47 7.12
C LYS A 125 15.38 -10.75 7.89
N ILE A 126 14.12 -11.14 8.03
CA ILE A 126 13.80 -12.35 8.80
C ILE A 126 13.42 -13.55 7.93
N GLY A 127 13.53 -13.41 6.62
CA GLY A 127 13.24 -14.49 5.70
C GLY A 127 11.76 -14.59 5.34
N SER A 128 10.93 -14.95 6.32
CA SER A 128 9.47 -15.05 6.16
C SER A 128 8.84 -14.94 7.54
N PHE A 129 7.51 -14.83 7.62
CA PHE A 129 6.87 -14.55 8.91
C PHE A 129 6.32 -15.83 9.48
N ASP A 130 6.35 -15.98 10.81
CA ASP A 130 5.58 -17.03 11.46
C ASP A 130 4.09 -16.67 11.34
N GLU A 131 3.23 -17.62 11.70
CA GLU A 131 1.77 -17.54 11.53
C GLU A 131 1.09 -16.38 12.27
N THR A 132 1.61 -16.07 13.46
CA THR A 132 1.13 -14.98 14.31
C THR A 132 1.36 -13.58 13.74
N CYS A 133 2.58 -13.33 13.28
CA CYS A 133 2.93 -12.07 12.63
C CYS A 133 2.24 -11.91 11.26
N THR A 134 2.13 -13.01 10.49
CA THR A 134 1.40 -13.00 9.22
C THR A 134 -0.04 -12.61 9.49
N ARG A 135 -0.70 -13.33 10.41
CA ARG A 135 -2.07 -13.01 10.85
C ARG A 135 -2.22 -11.56 11.26
N PHE A 136 -1.37 -11.10 12.17
CA PHE A 136 -1.49 -9.72 12.66
C PHE A 136 -1.39 -8.66 11.53
N TYR A 137 -0.34 -8.75 10.69
CA TYR A 137 -0.09 -7.75 9.65
C TYR A 137 -1.08 -7.84 8.48
N THR A 138 -1.51 -9.04 8.15
CA THR A 138 -2.53 -9.27 7.14
C THR A 138 -3.84 -8.64 7.63
N ALA A 139 -4.16 -8.85 8.92
CA ALA A 139 -5.36 -8.22 9.53
C ALA A 139 -5.32 -6.70 9.43
N GLU A 140 -4.18 -6.11 9.78
CA GLU A 140 -4.02 -4.68 9.61
C GLU A 140 -4.21 -4.24 8.16
N ILE A 141 -3.67 -5.03 7.23
CA ILE A 141 -3.75 -4.64 5.81
C ILE A 141 -5.18 -4.72 5.37
N VAL A 142 -5.89 -5.76 5.82
CA VAL A 142 -7.31 -5.94 5.54
C VAL A 142 -8.14 -4.74 6.06
N SER A 143 -7.88 -4.27 7.29
CA SER A 143 -8.62 -3.09 7.90
C SER A 143 -8.43 -1.78 7.15
N ALA A 144 -7.17 -1.53 6.75
CA ALA A 144 -6.81 -0.40 5.90
C ALA A 144 -7.62 -0.43 4.63
N LEU A 145 -7.66 -1.59 3.98
CA LEU A 145 -8.33 -1.73 2.67
C LEU A 145 -9.85 -1.60 2.78
N GLU A 146 -10.44 -2.22 3.81
CA GLU A 146 -11.84 -1.97 4.15
C GLU A 146 -12.14 -0.47 4.28
N TYR A 147 -11.24 0.25 4.93
CA TYR A 147 -11.45 1.66 5.08
C TYR A 147 -11.31 2.39 3.74
N LEU A 148 -10.25 2.06 3.00
CA LEU A 148 -9.99 2.68 1.73
C LEU A 148 -11.18 2.45 0.78
N HIS A 149 -11.54 1.19 0.58
CA HIS A 149 -12.62 0.81 -0.31
C HIS A 149 -13.99 1.41 0.11
N GLY A 150 -14.27 1.42 1.42
CA GLY A 150 -15.46 2.14 1.94
C GLY A 150 -15.54 3.59 1.49
N LYS A 151 -14.40 4.21 1.20
CA LYS A 151 -14.39 5.59 0.66
C LYS A 151 -14.34 5.61 -0.87
N GLY A 152 -14.45 4.45 -1.51
CA GLY A 152 -14.46 4.38 -2.99
C GLY A 152 -13.11 4.63 -3.65
N ILE A 153 -12.03 4.30 -2.96
CA ILE A 153 -10.66 4.53 -3.43
C ILE A 153 -10.00 3.19 -3.62
N ILE A 154 -9.38 3.01 -4.79
CA ILE A 154 -8.59 1.83 -5.13
C ILE A 154 -7.13 2.27 -5.05
N HIS A 155 -6.27 1.50 -4.39
CA HIS A 155 -4.86 1.89 -4.30
C HIS A 155 -4.14 1.76 -5.68
N ARG A 156 -4.25 0.57 -6.30
CA ARG A 156 -3.70 0.21 -7.64
C ARG A 156 -2.22 -0.20 -7.72
N ASP A 157 -1.50 -0.02 -6.63
CA ASP A 157 -0.09 -0.36 -6.60
C ASP A 157 0.28 -0.78 -5.17
N LEU A 158 -0.58 -1.60 -4.56
CA LEU A 158 -0.34 -2.03 -3.19
C LEU A 158 0.77 -3.06 -3.24
N LYS A 159 1.67 -3.00 -2.26
CA LYS A 159 2.85 -3.89 -2.18
C LYS A 159 3.69 -3.52 -0.92
N PRO A 160 4.59 -4.44 -0.47
CA PRO A 160 5.40 -4.25 0.75
C PRO A 160 6.37 -3.04 0.75
N GLU A 161 6.65 -2.48 -0.42
CA GLU A 161 7.55 -1.33 -0.53
C GLU A 161 6.82 -0.07 -0.05
N ASN A 162 5.50 -0.06 -0.20
CA ASN A 162 4.73 1.09 0.19
C ASN A 162 3.71 0.85 1.33
N ILE A 163 3.89 -0.29 2.03
CA ILE A 163 3.26 -0.56 3.30
C ILE A 163 4.37 -0.30 4.33
N LEU A 164 4.32 0.85 4.98
CA LEU A 164 5.41 1.23 5.87
C LEU A 164 5.11 0.87 7.33
N LEU A 165 6.09 1.01 8.22
CA LEU A 165 5.87 0.71 9.63
C LEU A 165 6.24 1.85 10.55
N ASN A 166 5.32 2.28 11.40
CA ASN A 166 5.62 3.34 12.36
C ASN A 166 6.53 2.86 13.50
N GLU A 167 6.94 3.80 14.35
CA GLU A 167 7.83 3.52 15.48
C GLU A 167 7.34 2.34 16.31
N ASP A 168 6.01 2.20 16.43
CA ASP A 168 5.38 1.15 17.24
C ASP A 168 5.18 -0.18 16.51
N MET A 169 5.67 -0.26 15.28
CA MET A 169 5.46 -1.38 14.37
C MET A 169 4.04 -1.66 13.86
N HIS A 170 3.20 -0.62 13.75
CA HIS A 170 1.91 -0.74 13.03
C HIS A 170 2.07 -0.28 11.59
N ILE A 171 1.24 -0.78 10.67
CA ILE A 171 1.41 -0.44 9.25
C ILE A 171 1.02 1.02 9.02
N GLN A 172 1.59 1.58 7.96
CA GLN A 172 1.24 2.90 7.50
C GLN A 172 1.34 2.91 5.97
N ILE A 173 0.21 2.74 5.29
CA ILE A 173 0.23 2.56 3.82
C ILE A 173 0.38 3.93 3.13
N THR A 174 1.11 3.95 2.02
CA THR A 174 1.48 5.20 1.40
C THR A 174 1.48 5.06 -0.12
N ASP A 175 1.95 6.10 -0.81
CA ASP A 175 2.07 6.12 -2.27
C ASP A 175 0.71 6.14 -2.98
N PHE A 176 0.00 7.27 -2.90
CA PHE A 176 -1.34 7.41 -3.48
C PHE A 176 -1.44 8.17 -4.81
N GLY A 177 -0.31 8.58 -5.37
CA GLY A 177 -0.33 9.26 -6.65
C GLY A 177 -1.00 8.45 -7.75
N THR A 178 -0.75 7.13 -7.74
CA THR A 178 -1.32 6.18 -8.71
C THR A 178 -2.72 5.57 -8.38
N ALA A 179 -3.40 6.12 -7.37
CA ALA A 179 -4.75 5.67 -6.98
C ALA A 179 -5.84 6.05 -7.99
N LYS A 180 -7.00 5.37 -7.90
CA LYS A 180 -8.19 5.66 -8.71
C LYS A 180 -9.31 5.99 -7.73
N VAL A 181 -10.07 7.04 -8.02
CA VAL A 181 -11.22 7.41 -7.18
C VAL A 181 -12.47 7.11 -8.01
N LEU A 182 -13.21 6.06 -7.64
CA LEU A 182 -14.48 5.67 -8.30
C LEU A 182 -15.54 6.76 -8.18
N SER A 183 -16.61 6.67 -8.98
CA SER A 183 -17.73 7.64 -8.85
C SER A 183 -19.18 7.06 -8.69
N PRO A 184 -20.06 7.10 -9.75
CA PRO A 184 -21.48 6.69 -9.51
C PRO A 184 -21.69 5.16 -9.40
N ALA A 189 -16.61 0.65 -10.69
CA ALA A 189 -15.45 -0.24 -10.77
C ALA A 189 -14.66 -0.07 -12.10
N ARG A 190 -14.23 1.17 -12.40
CA ARG A 190 -13.57 1.47 -13.70
C ARG A 190 -12.16 2.13 -13.64
N ALA A 191 -11.38 1.93 -14.72
CA ALA A 191 -10.05 2.55 -14.95
C ALA A 191 -9.55 2.34 -16.39
N ASN A 192 -8.21 2.39 -16.58
CA ASN A 192 -7.51 1.88 -17.79
C ASN A 192 -6.06 2.33 -18.10
N SEP A 193 -5.59 3.40 -17.45
CA SEP A 193 -4.31 4.03 -17.84
CB SEP A 193 -4.29 5.51 -17.40
OG SEP A 193 -4.12 5.64 -15.98
C SEP A 193 -3.07 3.28 -17.33
O SEP A 193 -2.24 2.81 -18.12
P SEP A 193 -5.40 6.30 -15.23
O1P SEP A 193 -6.56 5.20 -14.94
O2P SEP A 193 -6.06 7.44 -16.15
O3P SEP A 193 -4.90 6.89 -13.82
N PHE A 194 -3.01 3.13 -16.01
CA PHE A 194 -1.79 2.77 -15.28
C PHE A 194 -1.70 1.28 -14.92
N VAL A 195 -0.48 0.75 -14.87
CA VAL A 195 -0.19 -0.64 -14.45
C VAL A 195 0.91 -0.63 -13.34
N GLY A 196 0.61 -1.18 -12.15
CA GLY A 196 1.55 -1.12 -11.00
C GLY A 196 2.82 -1.95 -11.10
N THR A 197 3.32 -2.42 -9.97
CA THR A 197 4.52 -3.23 -9.92
C THR A 197 4.19 -4.65 -10.39
N ALA A 198 4.95 -5.11 -11.38
CA ALA A 198 4.64 -6.32 -12.13
C ALA A 198 4.05 -7.45 -11.29
N GLN A 199 4.63 -7.71 -10.12
CA GLN A 199 4.30 -8.89 -9.33
C GLN A 199 2.96 -8.88 -8.61
N TYR A 200 2.43 -7.68 -8.41
CA TYR A 200 1.24 -7.48 -7.64
C TYR A 200 0.10 -7.10 -8.60
N VAL A 201 0.42 -6.97 -9.88
CA VAL A 201 -0.54 -6.64 -10.93
C VAL A 201 -1.62 -7.73 -11.08
N SER A 202 -2.88 -7.30 -11.15
CA SER A 202 -4.02 -8.22 -11.26
C SER A 202 -4.29 -8.54 -12.72
N PRO A 203 -4.80 -9.75 -13.01
CA PRO A 203 -5.07 -10.22 -14.37
C PRO A 203 -5.91 -9.26 -15.20
N GLU A 204 -6.95 -8.66 -14.62
CA GLU A 204 -7.84 -7.74 -15.34
C GLU A 204 -7.11 -6.55 -15.92
N LEU A 205 -6.04 -6.14 -15.26
CA LEU A 205 -5.20 -5.09 -15.78
C LEU A 205 -4.47 -5.53 -17.06
N LEU A 206 -4.22 -6.83 -17.17
CA LEU A 206 -3.50 -7.39 -18.30
C LEU A 206 -4.42 -7.87 -19.43
N THR A 207 -5.69 -8.13 -19.13
CA THR A 207 -6.61 -8.62 -20.14
C THR A 207 -7.67 -7.60 -20.53
N GLU A 208 -8.13 -6.79 -19.59
CA GLU A 208 -9.26 -5.87 -19.88
C GLU A 208 -8.92 -4.40 -19.64
N LYS A 209 -7.62 -4.10 -19.56
CA LYS A 209 -7.06 -2.96 -18.77
C LYS A 209 -8.06 -2.10 -17.96
N SER A 210 -8.83 -2.72 -17.05
CA SER A 210 -9.68 -1.94 -16.13
C SER A 210 -9.38 -2.33 -14.67
N ALA A 211 -9.40 -1.36 -13.76
CA ALA A 211 -9.17 -1.61 -12.33
C ALA A 211 -10.45 -1.50 -11.50
N CYS A 212 -10.49 -2.25 -10.41
CA CYS A 212 -11.61 -2.22 -9.47
C CYS A 212 -11.01 -2.45 -8.08
N LYS A 213 -11.80 -2.23 -7.04
CA LYS A 213 -11.35 -2.48 -5.66
C LYS A 213 -10.73 -3.86 -5.49
N SER A 214 -11.33 -4.85 -6.15
CA SER A 214 -10.84 -6.22 -6.20
C SER A 214 -9.37 -6.36 -6.62
N SER A 215 -8.89 -5.47 -7.49
CA SER A 215 -7.45 -5.45 -7.91
C SER A 215 -6.50 -5.33 -6.70
N ASP A 216 -6.86 -4.47 -5.74
CA ASP A 216 -6.17 -4.40 -4.46
C ASP A 216 -6.21 -5.71 -3.66
N LEU A 217 -7.30 -6.50 -3.80
CA LEU A 217 -7.44 -7.76 -3.05
C LEU A 217 -6.57 -8.88 -3.63
N TRP A 218 -6.31 -8.79 -4.93
CA TRP A 218 -5.34 -9.66 -5.60
C TRP A 218 -3.98 -9.37 -5.02
N ALA A 219 -3.64 -8.08 -4.93
CA ALA A 219 -2.36 -7.65 -4.37
C ALA A 219 -2.19 -8.08 -2.90
N LEU A 220 -3.26 -7.98 -2.11
CA LEU A 220 -3.34 -8.62 -0.77
C LEU A 220 -3.00 -10.15 -0.78
N GLY A 221 -3.54 -10.90 -1.73
CA GLY A 221 -3.24 -12.33 -1.87
C GLY A 221 -1.77 -12.60 -2.14
N CYS A 222 -1.18 -11.82 -3.05
CA CYS A 222 0.28 -11.82 -3.26
C CYS A 222 1.09 -11.50 -1.99
N ILE A 223 0.66 -10.47 -1.25
CA ILE A 223 1.37 -10.03 -0.04
C ILE A 223 1.31 -11.10 1.05
N ILE A 224 0.15 -11.72 1.27
CA ILE A 224 0.06 -12.84 2.21
C ILE A 224 1.01 -13.97 1.79
N TYR A 225 0.93 -14.37 0.53
CA TYR A 225 1.82 -15.40 0.01
C TYR A 225 3.28 -15.04 0.30
N GLN A 226 3.63 -13.78 0.09
CA GLN A 226 4.99 -13.29 0.29
C GLN A 226 5.40 -13.27 1.78
N LEU A 227 4.47 -12.94 2.67
CA LEU A 227 4.79 -12.91 4.11
C LEU A 227 5.16 -14.34 4.55
N VAL A 228 4.40 -15.31 4.04
CA VAL A 228 4.60 -16.70 4.41
C VAL A 228 5.77 -17.31 3.65
N ALA A 229 5.73 -17.27 2.32
CA ALA A 229 6.76 -17.93 1.52
C ALA A 229 8.08 -17.19 1.51
N GLY A 230 8.04 -15.87 1.74
CA GLY A 230 9.27 -15.07 1.73
C GLY A 230 9.54 -14.42 0.40
N LEU A 231 8.76 -14.80 -0.60
CA LEU A 231 8.85 -14.28 -1.96
C LEU A 231 7.42 -14.19 -2.54
N PRO A 232 7.18 -13.23 -3.46
CA PRO A 232 5.88 -13.10 -4.11
C PRO A 232 5.54 -14.35 -4.95
N PRO A 233 4.24 -14.58 -5.26
CA PRO A 233 3.89 -15.87 -5.94
C PRO A 233 4.30 -15.98 -7.43
N PHE A 234 4.20 -14.90 -8.19
CA PHE A 234 4.54 -14.92 -9.59
C PHE A 234 5.87 -14.20 -9.79
N ARG A 235 6.92 -14.96 -10.08
CA ARG A 235 8.28 -14.47 -10.31
C ARG A 235 8.84 -15.04 -11.62
N ALA A 236 9.64 -14.24 -12.32
CA ALA A 236 10.26 -14.61 -13.59
C ALA A 236 11.36 -13.61 -13.89
N GLY A 237 12.23 -13.95 -14.85
CA GLY A 237 13.39 -13.10 -15.20
C GLY A 237 13.06 -11.76 -15.84
N ASN A 238 11.81 -11.58 -16.26
CA ASN A 238 11.37 -10.28 -16.81
C ASN A 238 9.88 -10.08 -16.68
N GLU A 239 9.40 -8.89 -17.03
CA GLU A 239 8.00 -8.54 -16.79
C GLU A 239 7.02 -9.29 -17.67
N TYR A 240 7.42 -9.58 -18.90
CA TYR A 240 6.58 -10.33 -19.80
C TYR A 240 6.20 -11.71 -19.24
N LEU A 241 7.22 -12.41 -18.71
CA LEU A 241 7.01 -13.76 -18.20
C LEU A 241 6.14 -13.75 -16.94
N ILE A 242 6.30 -12.74 -16.08
CA ILE A 242 5.46 -12.54 -14.89
C ILE A 242 3.99 -12.36 -15.32
N PHE A 243 3.75 -11.53 -16.31
CA PHE A 243 2.42 -11.40 -16.89
C PHE A 243 1.83 -12.68 -17.45
N GLN A 244 2.64 -13.53 -18.09
CA GLN A 244 2.17 -14.82 -18.60
C GLN A 244 1.76 -15.71 -17.46
N LYS A 245 2.54 -15.69 -16.39
CA LYS A 245 2.21 -16.46 -15.20
C LYS A 245 0.91 -15.99 -14.54
N ILE A 246 0.75 -14.69 -14.37
CA ILE A 246 -0.47 -14.08 -13.77
C ILE A 246 -1.75 -14.50 -14.50
N ILE A 247 -1.79 -14.30 -15.82
CA ILE A 247 -3.00 -14.61 -16.59
C ILE A 247 -3.38 -16.12 -16.64
N LYS A 248 -2.38 -16.98 -16.37
CA LYS A 248 -2.54 -18.46 -16.38
C LYS A 248 -2.69 -19.03 -14.97
N LEU A 249 -2.49 -18.16 -13.98
CA LEU A 249 -2.58 -18.48 -12.55
C LEU A 249 -1.56 -19.56 -12.24
N GLU A 250 -0.33 -19.29 -12.68
CA GLU A 250 0.75 -20.23 -12.59
C GLU A 250 1.63 -19.90 -11.38
N TYR A 251 1.28 -20.46 -10.23
CA TYR A 251 2.11 -20.38 -9.03
C TYR A 251 1.86 -21.62 -8.20
N ASP A 252 2.79 -21.92 -7.28
CA ASP A 252 2.71 -23.09 -6.44
C ASP A 252 2.79 -22.69 -4.98
N PHE A 253 2.24 -23.49 -4.08
CA PHE A 253 2.49 -23.29 -2.64
C PHE A 253 3.65 -24.16 -2.14
N PRO A 254 4.56 -23.59 -1.33
CA PRO A 254 5.48 -24.45 -0.60
C PRO A 254 4.71 -25.43 0.31
N GLU A 255 5.30 -26.60 0.52
CA GLU A 255 4.74 -27.62 1.42
C GLU A 255 4.54 -27.03 2.81
N LYS A 256 5.44 -26.13 3.19
CA LYS A 256 5.45 -25.55 4.54
C LYS A 256 4.14 -24.79 4.85
N PHE A 257 3.84 -23.78 4.02
CA PHE A 257 2.63 -22.92 4.05
C PHE A 257 1.49 -23.23 5.03
N PHE A 258 1.20 -22.27 5.92
CA PHE A 258 0.11 -22.42 6.87
C PHE A 258 -1.18 -22.72 6.10
N PRO A 259 -1.81 -23.88 6.40
CA PRO A 259 -3.01 -24.35 5.69
C PRO A 259 -4.13 -23.31 5.57
N LYS A 260 -4.43 -22.61 6.65
CA LYS A 260 -5.49 -21.62 6.63
C LYS A 260 -5.11 -20.38 5.78
N ALA A 261 -3.83 -19.98 5.86
CA ALA A 261 -3.28 -18.93 4.96
C ALA A 261 -3.30 -19.34 3.48
N ARG A 262 -3.05 -20.63 3.20
CA ARG A 262 -3.18 -21.19 1.83
C ARG A 262 -4.61 -21.10 1.33
N ASP A 263 -5.56 -21.45 2.19
CA ASP A 263 -6.95 -21.44 1.81
C ASP A 263 -7.39 -20.00 1.55
N LEU A 264 -7.04 -19.07 2.44
CA LEU A 264 -7.32 -17.66 2.22
C LEU A 264 -6.76 -17.12 0.90
N VAL A 265 -5.48 -17.35 0.64
CA VAL A 265 -4.81 -16.93 -0.60
C VAL A 265 -5.44 -17.51 -1.90
N GLU A 266 -5.93 -18.76 -1.85
CA GLU A 266 -6.71 -19.35 -2.96
C GLU A 266 -8.03 -18.62 -3.23
N LYS A 267 -8.53 -17.91 -2.24
CA LYS A 267 -9.78 -17.19 -2.40
C LYS A 267 -9.54 -15.73 -2.75
N LEU A 268 -8.27 -15.36 -2.90
CA LEU A 268 -7.87 -14.02 -3.34
C LEU A 268 -7.29 -14.02 -4.75
N LEU A 269 -6.42 -15.00 -5.02
CA LEU A 269 -5.77 -15.15 -6.33
C LEU A 269 -6.69 -15.94 -7.25
N VAL A 270 -7.83 -15.33 -7.57
CA VAL A 270 -8.85 -15.90 -8.44
C VAL A 270 -8.85 -15.01 -9.69
N LEU A 271 -8.81 -15.63 -10.86
CA LEU A 271 -8.77 -14.85 -12.11
C LEU A 271 -9.99 -13.94 -12.23
N ASP A 272 -11.17 -14.48 -11.93
CA ASP A 272 -12.41 -13.73 -11.95
C ASP A 272 -12.47 -12.84 -10.71
N ALA A 273 -12.47 -11.54 -10.98
CA ALA A 273 -12.36 -10.52 -9.96
C ALA A 273 -13.67 -10.31 -9.18
N THR A 274 -14.75 -10.86 -9.70
CA THR A 274 -16.03 -10.72 -9.00
C THR A 274 -16.17 -11.87 -8.03
N LYS A 275 -15.15 -12.73 -7.99
CA LYS A 275 -15.11 -13.91 -7.11
C LYS A 275 -13.96 -13.93 -6.09
N ARG A 276 -13.37 -12.76 -5.79
CA ARG A 276 -12.33 -12.69 -4.77
C ARG A 276 -12.97 -12.40 -3.42
N LEU A 277 -12.53 -13.11 -2.39
CA LEU A 277 -13.01 -12.85 -1.03
C LEU A 277 -12.78 -11.38 -0.63
N GLY A 278 -13.83 -10.75 -0.10
CA GLY A 278 -13.81 -9.34 0.25
C GLY A 278 -14.39 -8.41 -0.78
N CYS A 279 -14.46 -8.83 -2.04
CA CYS A 279 -15.02 -7.95 -3.08
C CYS A 279 -16.53 -7.81 -2.87
N GLU A 280 -17.09 -6.73 -3.41
CA GLU A 280 -18.54 -6.43 -3.32
C GLU A 280 -19.43 -7.57 -3.82
N GLU A 281 -19.05 -8.22 -4.91
CA GLU A 281 -19.88 -9.28 -5.44
C GLU A 281 -19.86 -10.48 -4.51
N MET A 282 -18.83 -10.61 -3.67
CA MET A 282 -18.74 -11.70 -2.71
C MET A 282 -19.24 -11.27 -1.32
N GLU A 283 -20.01 -10.17 -1.30
CA GLU A 283 -20.69 -9.63 -0.10
C GLU A 283 -19.77 -8.90 0.90
N GLY A 284 -18.56 -8.53 0.44
CA GLY A 284 -17.74 -7.52 1.11
C GLY A 284 -16.76 -8.06 2.14
N TYR A 285 -16.47 -7.22 3.12
CA TYR A 285 -15.40 -7.46 4.07
C TYR A 285 -15.70 -8.45 5.17
N GLY A 286 -16.97 -8.53 5.56
CA GLY A 286 -17.41 -9.50 6.57
C GLY A 286 -17.01 -10.92 6.30
N PRO A 287 -17.42 -11.49 5.15
CA PRO A 287 -16.85 -12.83 4.83
C PRO A 287 -15.31 -12.94 4.84
N LEU A 288 -14.61 -11.88 4.44
CA LEU A 288 -13.14 -11.85 4.48
C LEU A 288 -12.64 -11.90 5.92
N LYS A 289 -13.11 -11.00 6.77
CA LYS A 289 -12.66 -10.98 8.16
C LYS A 289 -13.12 -12.22 8.96
N ALA A 290 -14.17 -12.91 8.48
CA ALA A 290 -14.60 -14.19 9.09
C ALA A 290 -13.77 -15.40 8.68
N HIS A 291 -12.91 -15.26 7.67
CA HIS A 291 -12.10 -16.39 7.24
C HIS A 291 -11.41 -17.06 8.43
N PRO A 292 -11.43 -18.42 8.48
CA PRO A 292 -10.75 -19.14 9.56
C PRO A 292 -9.34 -18.65 9.93
N PHE A 293 -8.58 -18.15 8.96
CA PHE A 293 -7.20 -17.74 9.22
C PHE A 293 -7.12 -16.60 10.22
N PHE A 294 -8.20 -15.83 10.30
CA PHE A 294 -8.30 -14.67 11.18
C PHE A 294 -9.08 -14.96 12.45
N GLU A 295 -9.32 -16.26 12.72
CA GLU A 295 -10.12 -16.73 13.87
C GLU A 295 -9.89 -15.99 15.22
N SER A 296 -8.62 -15.75 15.58
CA SER A 296 -8.33 -15.13 16.89
C SER A 296 -8.05 -13.62 16.84
N VAL A 297 -8.38 -12.97 15.72
CA VAL A 297 -8.12 -11.54 15.57
C VAL A 297 -9.30 -10.79 16.15
N THR A 298 -9.03 -9.80 17.00
CA THR A 298 -10.02 -8.79 17.40
C THR A 298 -9.86 -7.59 16.43
N TRP A 299 -10.85 -7.39 15.56
CA TRP A 299 -10.77 -6.40 14.48
C TRP A 299 -10.94 -4.93 14.88
N GLU A 300 -11.64 -4.68 15.98
CA GLU A 300 -12.12 -3.35 16.33
C GLU A 300 -11.03 -2.39 16.86
N ASN A 301 -9.94 -2.92 17.41
CA ASN A 301 -8.92 -2.08 18.03
C ASN A 301 -7.45 -2.48 17.65
N LEU A 302 -7.29 -3.02 16.43
CA LEU A 302 -6.01 -3.52 15.96
C LEU A 302 -4.84 -2.57 16.15
N HIS A 303 -5.10 -1.27 15.98
CA HIS A 303 -4.02 -0.27 16.05
C HIS A 303 -3.50 -0.01 17.48
N GLN A 304 -4.27 -0.48 18.47
CA GLN A 304 -3.91 -0.32 19.87
C GLN A 304 -3.40 -1.61 20.50
N GLN A 305 -3.34 -2.68 19.72
CA GLN A 305 -2.83 -3.93 20.23
C GLN A 305 -1.31 -3.84 20.12
N THR A 306 -0.57 -4.57 20.95
CA THR A 306 0.88 -4.62 20.81
C THR A 306 1.22 -5.64 19.71
N PRO A 307 1.88 -5.17 18.61
CA PRO A 307 2.19 -6.12 17.51
C PRO A 307 3.13 -7.24 18.01
N PRO A 308 2.98 -8.47 17.50
CA PRO A 308 3.93 -9.52 17.87
C PRO A 308 5.32 -9.20 17.30
N LYS A 309 6.35 -9.76 17.93
CA LYS A 309 7.74 -9.49 17.58
C LYS A 309 8.18 -10.25 16.34
N LEU A 310 8.91 -9.58 15.46
CA LEU A 310 9.60 -10.24 14.33
C LEU A 310 11.09 -10.42 14.65
N THR A 311 11.60 -11.66 14.82
CA THR A 311 10.85 -12.90 15.05
C THR A 311 11.42 -13.66 16.25
C1 3RW B . 9.36 7.20 6.14
N1 3RW B . 6.75 4.78 -2.14
O1 3RW B . 5.67 8.39 2.30
C2 3RW B . 7.48 7.98 4.91
N2 3RW B . 8.18 7.83 6.06
C3 3RW B . 8.84 6.57 1.64
N3 3RW B . 9.97 6.65 5.06
C4 3RW B . 7.77 7.26 2.21
N4 3RW B . 9.76 6.27 2.58
C5 3RW B . 8.07 7.42 3.66
N5 3RW B . 6.30 8.62 4.93
C6 3RW B . 9.39 6.72 3.81
N6 3RW B . 5.35 8.16 -2.00
C7 3RW B . 11.04 5.54 2.33
N7 3RW B . 6.58 6.33 -0.39
C8 3RW B . 10.95 4.10 2.83
N8 3RW B . 9.13 8.31 -4.18
C9 3RW B . 6.49 7.80 1.60
C10 3RW B . 6.20 7.51 0.14
C11 3RW B . 5.58 8.45 -0.70
C12 3RW B . 5.72 6.97 -2.52
C13 3RW B . 6.35 6.02 -1.70
C14 3RW B . 11.38 5.59 0.85
C15 3RW B . 9.11 5.97 -3.66
C16 3RW B . 10.07 6.16 -2.65
C17 3RW B . 8.64 7.08 -4.41
C18 3RW B . 8.55 4.56 -3.92
C19 3RW B . 10.56 7.44 -2.45
C20 3RW B . 7.04 4.46 -3.54
C21 3RW B . 10.07 8.50 -3.22
C1 GOL C . 16.75 14.46 11.53
O1 GOL C . 15.58 14.98 12.12
C2 GOL C . 17.38 15.39 10.49
O2 GOL C . 16.66 16.58 10.30
C3 GOL C . 18.83 15.70 10.87
O3 GOL C . 19.08 17.09 10.81
C1 GOL D . 4.79 13.15 11.84
O1 GOL D . 5.98 12.44 11.60
C2 GOL D . 4.53 13.32 13.34
O2 GOL D . 5.68 12.89 14.03
C3 GOL D . 4.34 14.80 13.63
O3 GOL D . 4.45 15.05 15.02
C1 GOL E . -9.22 -0.48 12.44
O1 GOL E . -9.95 0.69 12.24
C2 GOL E . -8.98 -0.55 13.91
O2 GOL E . -8.58 -1.85 14.14
C3 GOL E . -7.74 0.20 14.27
O3 GOL E . -7.41 -0.24 15.58
S SO4 F . 3.53 15.34 18.65
O1 SO4 F . 4.30 14.37 19.43
O2 SO4 F . 2.79 16.22 19.55
O3 SO4 F . 2.58 14.66 17.74
O4 SO4 F . 4.45 16.13 17.84
S SO4 G . 19.23 22.18 5.86
O1 SO4 G . 20.01 21.87 4.66
O2 SO4 G . 19.57 23.51 6.36
O3 SO4 G . 19.64 21.18 6.85
O4 SO4 G . 17.79 22.18 5.58
S SO4 H . 8.13 13.81 16.40
O1 SO4 H . 9.53 13.91 15.96
O2 SO4 H . 7.29 14.52 15.44
O3 SO4 H . 7.88 14.37 17.73
O4 SO4 H . 7.74 12.40 16.45
S SO4 I . -23.06 -5.99 1.84
O1 SO4 I . -23.97 -6.14 0.70
O2 SO4 I . -22.99 -7.27 2.55
O3 SO4 I . -23.55 -4.91 2.71
O4 SO4 I . -21.72 -5.66 1.37
S SO4 J . -14.86 11.53 2.38
O1 SO4 J . -16.04 12.35 2.09
O2 SO4 J . -15.04 10.21 1.76
O3 SO4 J . -14.67 11.38 3.82
O4 SO4 J . -13.68 12.22 1.86
S SO4 K . 7.88 5.23 -8.23
O1 SO4 K . 7.71 6.67 -8.49
O2 SO4 K . 6.71 4.73 -7.50
O3 SO4 K . 8.00 4.54 -9.51
O4 SO4 K . 9.08 5.01 -7.41
S SO4 L . 0.16 24.65 -2.01
O1 SO4 L . 0.39 25.32 -0.74
O2 SO4 L . -0.62 23.42 -1.81
O3 SO4 L . 1.41 24.24 -2.64
O4 SO4 L . -0.56 25.55 -2.90
#